data_5UEH
#
_entry.id   5UEH
#
_cell.length_a   57.161
_cell.length_b   57.161
_cell.length_c   140.160
_cell.angle_alpha   90.00
_cell.angle_beta   90.00
_cell.angle_gamma   120.00
#
_symmetry.space_group_name_H-M   'P 31 2 1'
#
loop_
_entity.id
_entity.type
_entity.pdbx_description
1 polymer 'Glutathione S-transferase omega-1'
2 non-polymer '2-(4-chlorophenyl)-6-[(fluorosulfonyl)oxy]quinoline-4-carboxylic acid'
3 non-polymer 'SULFATE ION'
4 non-polymer GLYCEROL
5 water water
#
_entity_poly.entity_id   1
_entity_poly.type   'polypeptide(L)'
_entity_poly.pdbx_seq_one_letter_code
;SMSGESARSLGKGSAPPGPVPEGSIRIYSMRFCPFAERTRLVLKAKGIRHEVININLKNKPEWFFKKNPFGLVPVLENSQ
GQLIYESAITCEYLDEAYPGKKLLPDDPYEKACQKMILELFSKVPSLVGSFIRSQNKEDYAGLKEEFRKEFTKLEEVLTN
KKTTFFGGNSISMIDYLIWPWFERLEAMKLNECVDHTPKLKLWMAAMKEDPTVSALLTSEKDWQGFLELYLQNSPEACDY
GL
;
_entity_poly.pdbx_strand_id   A
#
# COMPACT_ATOMS: atom_id res chain seq x y z
N GLY A 4 9.42 16.58 -10.68
CA GLY A 4 9.69 15.19 -11.15
C GLY A 4 11.02 14.63 -10.67
N GLU A 5 12.06 15.46 -10.72
CA GLU A 5 13.40 15.02 -10.36
C GLU A 5 13.58 14.82 -8.85
N SER A 6 12.86 15.60 -8.04
CA SER A 6 12.95 15.47 -6.58
C SER A 6 12.45 14.11 -6.06
N ALA A 7 11.57 13.48 -6.82
CA ALA A 7 11.07 12.14 -6.52
C ALA A 7 12.06 11.02 -6.81
N ARG A 8 13.14 11.30 -7.57
CA ARG A 8 14.12 10.26 -7.91
C ARG A 8 14.66 9.59 -6.68
N SER A 9 14.91 8.30 -6.78
CA SER A 9 15.23 7.50 -5.61
C SER A 9 16.69 7.74 -5.18
N LEU A 10 16.98 7.45 -3.92
CA LEU A 10 18.32 7.48 -3.40
C LEU A 10 18.80 6.03 -3.40
N GLY A 11 19.98 5.80 -3.94
CA GLY A 11 20.58 4.49 -4.02
C GLY A 11 21.97 4.42 -3.40
N LYS A 12 22.67 3.33 -3.74
CA LYS A 12 24.02 3.02 -3.24
C LYS A 12 24.93 4.20 -3.56
N GLY A 13 25.64 4.68 -2.55
CA GLY A 13 26.52 5.83 -2.68
C GLY A 13 25.89 7.20 -2.44
N SER A 14 24.56 7.30 -2.28
CA SER A 14 23.92 8.58 -2.00
C SER A 14 24.29 9.00 -0.59
N ALA A 15 24.33 10.30 -0.35
CA ALA A 15 24.57 10.85 0.98
C ALA A 15 23.35 10.59 1.88
N PRO A 16 23.57 10.18 3.15
CA PRO A 16 22.42 10.06 4.04
C PRO A 16 21.72 11.42 4.20
N PRO A 17 20.38 11.43 4.20
CA PRO A 17 19.67 12.72 4.27
C PRO A 17 19.84 13.42 5.63
N GLY A 18 19.60 14.71 5.66
CA GLY A 18 19.68 15.48 6.88
C GLY A 18 18.49 15.22 7.79
N PRO A 19 18.49 15.86 8.97
CA PRO A 19 17.35 15.72 9.87
C PRO A 19 16.02 16.18 9.27
N VAL A 20 14.95 15.61 9.79
CA VAL A 20 13.60 15.94 9.36
C VAL A 20 13.27 17.30 10.00
N PRO A 21 12.79 18.26 9.20
CA PRO A 21 12.44 19.52 9.84
C PRO A 21 11.26 19.41 10.83
N GLU A 22 11.31 20.21 11.89
CA GLU A 22 10.15 20.44 12.77
C GLU A 22 8.91 20.74 11.93
N GLY A 23 7.76 20.21 12.35
CA GLY A 23 6.51 20.42 11.62
C GLY A 23 6.23 19.43 10.51
N SER A 24 7.22 18.59 10.15
CA SER A 24 7.06 17.54 9.15
C SER A 24 7.51 16.20 9.68
N ILE A 25 7.03 15.17 9.01
CA ILE A 25 7.47 13.81 9.22
C ILE A 25 7.97 13.30 7.87
N ARG A 26 8.94 12.41 7.89
CA ARG A 26 9.46 11.89 6.64
C ARG A 26 9.03 10.44 6.49
N ILE A 27 8.76 10.06 5.26
CA ILE A 27 8.55 8.67 4.90
C ILE A 27 9.63 8.28 3.90
N TYR A 28 10.36 7.22 4.20
CA TYR A 28 11.18 6.51 3.25
C TYR A 28 10.25 5.50 2.58
N SER A 29 10.13 5.62 1.26
CA SER A 29 9.10 4.99 0.47
C SER A 29 9.71 4.49 -0.83
N MET A 30 8.88 3.90 -1.66
CA MET A 30 9.20 3.67 -3.06
C MET A 30 7.88 3.79 -3.77
N ARG A 31 7.89 4.42 -4.94
CA ARG A 31 6.65 4.86 -5.59
C ARG A 31 5.68 3.76 -6.01
N PHE A 32 6.16 2.53 -6.13
CA PHE A 32 5.40 1.40 -6.59
C PHE A 32 5.27 0.28 -5.55
N CYS A 33 5.65 0.56 -4.29
CA CYS A 33 5.55 -0.42 -3.18
CA CYS A 33 5.54 -0.42 -3.21
C CYS A 33 4.17 -0.30 -2.57
N PRO A 34 3.38 -1.40 -2.58
CA PRO A 34 2.04 -1.31 -1.99
C PRO A 34 2.04 -1.15 -0.48
N PHE A 35 3.06 -1.68 0.21
CA PHE A 35 3.13 -1.50 1.67
C PHE A 35 3.32 -0.03 2.04
N ALA A 36 4.23 0.63 1.33
CA ALA A 36 4.47 2.04 1.54
C ALA A 36 3.32 2.90 1.05
N GLU A 37 2.60 2.44 0.02
CA GLU A 37 1.37 3.16 -0.38
C GLU A 37 0.36 3.26 0.75
N ARG A 38 0.25 2.22 1.58
CA ARG A 38 -0.62 2.27 2.78
C ARG A 38 -0.36 3.50 3.61
N THR A 39 0.91 3.71 3.94
CA THR A 39 1.33 4.84 4.76
C THR A 39 1.06 6.16 4.08
N ARG A 40 1.32 6.23 2.78
CA ARG A 40 1.09 7.46 2.04
C ARG A 40 -0.39 7.78 1.95
N LEU A 41 -1.24 6.77 1.76
CA LEU A 41 -2.70 6.95 1.85
C LEU A 41 -3.09 7.56 3.18
N VAL A 42 -2.55 7.02 4.26
CA VAL A 42 -2.87 7.54 5.56
C VAL A 42 -2.35 8.97 5.78
N LEU A 43 -1.13 9.25 5.34
CA LEU A 43 -0.61 10.62 5.43
C LEU A 43 -1.55 11.61 4.71
N LYS A 44 -1.93 11.28 3.49
CA LYS A 44 -2.83 12.12 2.70
C LYS A 44 -4.22 12.24 3.35
N ALA A 45 -4.84 11.12 3.69
CA ALA A 45 -6.16 11.13 4.31
C ALA A 45 -6.20 11.99 5.58
N LYS A 46 -5.14 11.97 6.38
CA LYS A 46 -5.11 12.73 7.62
C LYS A 46 -4.57 14.15 7.45
N GLY A 47 -4.19 14.53 6.22
CA GLY A 47 -3.66 15.86 5.95
C GLY A 47 -2.35 16.13 6.68
N ILE A 48 -1.49 15.12 6.77
CA ILE A 48 -0.24 15.25 7.52
C ILE A 48 0.86 15.79 6.60
N ARG A 49 1.49 16.89 7.01
CA ARG A 49 2.60 17.48 6.27
C ARG A 49 3.78 16.53 6.35
N HIS A 50 4.35 16.18 5.19
CA HIS A 50 5.45 15.24 5.14
C HIS A 50 6.34 15.42 3.92
N GLU A 51 7.53 14.84 4.02
CA GLU A 51 8.44 14.72 2.89
C GLU A 51 8.63 13.26 2.56
N VAL A 52 8.93 12.98 1.31
CA VAL A 52 9.11 11.63 0.81
C VAL A 52 10.55 11.50 0.36
N ILE A 53 11.23 10.45 0.83
CA ILE A 53 12.49 10.03 0.23
C ILE A 53 12.27 8.63 -0.36
N ASN A 54 12.35 8.52 -1.68
CA ASN A 54 12.27 7.21 -2.31
C ASN A 54 13.59 6.49 -2.25
N ILE A 55 13.51 5.18 -2.00
CA ILE A 55 14.68 4.33 -1.87
C ILE A 55 14.73 3.41 -3.07
N ASN A 56 15.89 3.32 -3.71
CA ASN A 56 16.08 2.40 -4.81
C ASN A 56 16.24 1.01 -4.20
N LEU A 57 15.19 0.20 -4.26
CA LEU A 57 15.19 -1.09 -3.55
C LEU A 57 16.04 -2.18 -4.23
N LYS A 58 16.38 -1.96 -5.50
CA LYS A 58 17.32 -2.82 -6.22
C LYS A 58 18.79 -2.41 -6.02
N ASN A 59 19.03 -1.24 -5.42
CA ASN A 59 20.38 -0.72 -5.21
C ASN A 59 20.39 0.17 -3.97
N LYS A 60 20.24 -0.45 -2.81
CA LYS A 60 19.94 0.26 -1.56
C LYS A 60 21.15 0.99 -1.02
N PRO A 61 20.93 2.23 -0.52
CA PRO A 61 22.03 2.87 0.20
C PRO A 61 22.30 2.14 1.52
N GLU A 62 23.57 2.07 1.86
CA GLU A 62 24.03 1.40 3.06
C GLU A 62 23.44 2.10 4.29
N TRP A 63 23.34 3.43 4.25
CA TRP A 63 22.75 4.20 5.35
C TRP A 63 21.27 3.89 5.61
N PHE A 64 20.56 3.34 4.62
CA PHE A 64 19.14 3.02 4.80
C PHE A 64 18.91 1.91 5.81
N PHE A 65 19.89 1.03 5.97
CA PHE A 65 19.82 -0.01 6.99
C PHE A 65 19.92 0.55 8.41
N LYS A 66 20.46 1.75 8.56
CA LYS A 66 20.37 2.48 9.82
C LYS A 66 18.97 3.03 10.13
N LYS A 67 18.10 3.11 9.12
CA LYS A 67 16.73 3.57 9.33
C LYS A 67 15.85 2.38 9.69
N ASN A 68 16.02 1.29 8.95
CA ASN A 68 15.34 0.03 9.21
C ASN A 68 16.39 -1.07 9.00
N PRO A 69 16.74 -1.81 10.06
CA PRO A 69 17.75 -2.88 9.91
C PRO A 69 17.37 -3.94 8.88
N PHE A 70 16.08 -4.09 8.60
CA PHE A 70 15.61 -5.00 7.57
C PHE A 70 15.63 -4.45 6.15
N GLY A 71 15.89 -3.15 5.98
CA GLY A 71 16.04 -2.57 4.65
C GLY A 71 14.76 -2.49 3.83
N LEU A 72 13.62 -2.40 4.50
CA LEU A 72 12.31 -2.38 3.83
C LEU A 72 11.62 -1.03 4.04
N VAL A 73 10.91 -0.59 3.01
CA VAL A 73 9.99 0.56 3.14
C VAL A 73 8.59 0.00 3.45
N PRO A 74 7.73 0.77 4.14
CA PRO A 74 7.96 2.16 4.52
C PRO A 74 8.68 2.31 5.86
N VAL A 75 9.33 3.46 6.05
CA VAL A 75 9.89 3.87 7.34
C VAL A 75 9.50 5.31 7.55
N LEU A 76 8.94 5.61 8.73
CA LEU A 76 8.69 6.97 9.15
C LEU A 76 9.84 7.44 10.03
N GLU A 77 10.28 8.68 9.82
CA GLU A 77 11.25 9.36 10.68
C GLU A 77 10.68 10.73 11.00
N ASN A 78 10.61 11.09 12.29
CA ASN A 78 10.08 12.40 12.67
C ASN A 78 11.19 13.34 13.09
N SER A 79 10.84 14.58 13.43
CA SER A 79 11.84 15.60 13.82
C SER A 79 12.62 15.25 15.07
N GLN A 80 12.07 14.37 15.91
CA GLN A 80 12.71 13.95 17.16
C GLN A 80 13.68 12.78 16.92
N GLY A 81 13.80 12.32 15.68
CA GLY A 81 14.69 11.22 15.34
C GLY A 81 14.13 9.83 15.51
N GLN A 82 12.85 9.71 15.87
CA GLN A 82 12.25 8.38 16.06
C GLN A 82 11.99 7.71 14.71
N LEU A 83 12.24 6.41 14.64
CA LEU A 83 12.01 5.61 13.44
C LEU A 83 10.94 4.54 13.69
N ILE A 84 9.98 4.43 12.77
CA ILE A 84 8.88 3.47 12.87
C ILE A 84 8.77 2.79 11.52
N TYR A 85 8.73 1.47 11.52
CA TYR A 85 8.54 0.74 10.27
C TYR A 85 7.58 -0.43 10.49
N GLU A 86 7.32 -1.18 9.41
CA GLU A 86 6.20 -2.13 9.28
C GLU A 86 4.98 -1.27 8.92
N SER A 87 4.44 -1.47 7.72
CA SER A 87 3.40 -0.60 7.15
C SER A 87 2.17 -0.40 8.04
N ALA A 88 1.65 -1.49 8.61
CA ALA A 88 0.44 -1.38 9.45
C ALA A 88 0.75 -0.62 10.73
N ILE A 89 1.95 -0.81 11.26
CA ILE A 89 2.40 -0.06 12.44
C ILE A 89 2.57 1.45 12.14
N THR A 90 3.12 1.80 10.96
CA THR A 90 3.30 3.22 10.57
C THR A 90 1.93 3.88 10.47
N CYS A 91 0.97 3.17 9.89
CA CYS A 91 -0.39 3.70 9.76
C CYS A 91 -1.09 3.93 11.09
N GLU A 92 -1.05 2.94 11.98
CA GLU A 92 -1.66 3.09 13.29
C GLU A 92 -0.96 4.20 14.07
N TYR A 93 0.37 4.25 14.01
CA TYR A 93 1.11 5.33 14.65
C TYR A 93 0.61 6.72 14.20
N LEU A 94 0.47 6.91 12.88
CA LEU A 94 0.02 8.20 12.34
C LEU A 94 -1.37 8.56 12.80
N ASP A 95 -2.25 7.55 12.85
CA ASP A 95 -3.61 7.80 13.25
C ASP A 95 -3.69 8.27 14.69
N GLU A 96 -2.84 7.70 15.53
CA GLU A 96 -2.76 8.08 16.96
C GLU A 96 -2.01 9.38 17.24
N ALA A 97 -0.91 9.60 16.52
CA ALA A 97 0.01 10.71 16.83
C ALA A 97 -0.46 12.03 16.28
N TYR A 98 -1.31 12.04 15.25
CA TYR A 98 -1.69 13.26 14.54
C TYR A 98 -3.17 13.57 14.66
N PRO A 99 -3.54 14.86 14.55
CA PRO A 99 -4.93 15.25 14.53
C PRO A 99 -5.59 14.99 13.17
N GLY A 100 -6.85 15.38 13.04
CA GLY A 100 -7.59 15.25 11.79
C GLY A 100 -8.57 14.09 11.85
N LYS A 101 -8.88 13.53 10.67
CA LYS A 101 -9.83 12.44 10.58
C LYS A 101 -9.28 11.19 11.29
N LYS A 102 -9.97 10.71 12.33
CA LYS A 102 -9.64 9.42 12.94
C LYS A 102 -9.98 8.29 11.99
N LEU A 103 -8.99 7.53 11.54
CA LEU A 103 -9.23 6.43 10.60
C LEU A 103 -9.60 5.11 11.26
N LEU A 104 -9.22 4.93 12.52
CA LEU A 104 -9.59 3.75 13.28
C LEU A 104 -10.68 4.16 14.26
N PRO A 105 -11.70 3.30 14.48
CA PRO A 105 -12.71 3.67 15.47
C PRO A 105 -12.13 3.75 16.87
N ASP A 106 -12.77 4.55 17.73
CA ASP A 106 -12.39 4.57 19.14
C ASP A 106 -12.85 3.31 19.88
N ASP A 107 -13.97 2.72 19.46
CA ASP A 107 -14.49 1.56 20.16
C ASP A 107 -13.53 0.34 20.06
N PRO A 108 -13.12 -0.24 21.21
CA PRO A 108 -12.23 -1.42 21.18
C PRO A 108 -12.72 -2.54 20.29
N TYR A 109 -14.00 -2.91 20.40
CA TYR A 109 -14.52 -3.95 19.53
C TYR A 109 -14.48 -3.62 18.02
N GLU A 110 -14.98 -2.45 17.64
CA GLU A 110 -14.97 -2.13 16.21
CA GLU A 110 -14.97 -2.00 16.24
C GLU A 110 -13.53 -1.99 15.68
N LYS A 111 -12.58 -1.57 16.52
CA LYS A 111 -11.19 -1.50 16.07
C LYS A 111 -10.64 -2.92 15.87
N ALA A 112 -10.95 -3.83 16.79
CA ALA A 112 -10.59 -5.24 16.66
C ALA A 112 -11.16 -5.85 15.38
N CYS A 113 -12.41 -5.53 15.05
CA CYS A 113 -13.00 -5.98 13.79
C CYS A 113 -12.21 -5.58 12.55
N GLN A 114 -11.75 -4.35 12.51
CA GLN A 114 -10.91 -3.86 11.41
C GLN A 114 -9.63 -4.69 11.33
N LYS A 115 -9.01 -4.92 12.48
CA LYS A 115 -7.79 -5.71 12.53
C LYS A 115 -8.04 -7.16 12.14
N MET A 116 -9.22 -7.70 12.48
CA MET A 116 -9.60 -9.07 12.05
C MET A 116 -9.77 -9.18 10.53
N ILE A 117 -10.34 -8.15 9.93
CA ILE A 117 -10.45 -8.09 8.46
C ILE A 117 -9.04 -8.00 7.84
N LEU A 118 -8.16 -7.24 8.47
CA LEU A 118 -6.78 -7.16 8.01
C LEU A 118 -6.12 -8.55 8.04
N GLU A 119 -6.41 -9.35 9.08
CA GLU A 119 -5.87 -10.71 9.16
C GLU A 119 -6.47 -11.65 8.09
N LEU A 120 -7.75 -11.45 7.81
CA LEU A 120 -8.45 -12.11 6.72
C LEU A 120 -7.78 -11.92 5.36
N PHE A 121 -7.27 -10.70 5.16
CA PHE A 121 -6.59 -10.26 3.94
C PHE A 121 -5.15 -10.80 3.81
N SER A 122 -4.59 -11.36 4.88
CA SER A 122 -3.15 -11.65 5.00
C SER A 122 -2.54 -12.48 3.90
N LYS A 123 -3.31 -13.32 3.23
CA LYS A 123 -2.76 -14.14 2.14
C LYS A 123 -2.61 -13.37 0.82
N VAL A 124 -3.28 -12.23 0.68
CA VAL A 124 -3.30 -11.57 -0.62
C VAL A 124 -1.93 -11.02 -1.04
N PRO A 125 -1.20 -10.32 -0.15
CA PRO A 125 0.09 -9.82 -0.58
C PRO A 125 1.06 -10.87 -1.10
N SER A 126 1.09 -12.06 -0.48
CA SER A 126 1.96 -13.13 -1.00
C SER A 126 1.50 -13.71 -2.37
N LEU A 127 0.24 -13.50 -2.76
CA LEU A 127 -0.20 -13.88 -4.12
C LEU A 127 0.41 -13.04 -5.25
N VAL A 128 1.03 -11.90 -4.90
CA VAL A 128 1.84 -11.15 -5.87
C VAL A 128 3.06 -11.99 -6.29
N GLY A 129 3.67 -12.73 -5.36
CA GLY A 129 4.72 -13.69 -5.71
C GLY A 129 4.22 -14.79 -6.61
N SER A 130 3.07 -15.34 -6.28
CA SER A 130 2.42 -16.30 -7.16
C SER A 130 2.22 -15.72 -8.57
N PHE A 131 1.82 -14.44 -8.64
CA PHE A 131 1.61 -13.78 -9.94
C PHE A 131 2.91 -13.72 -10.75
N ILE A 132 3.97 -13.25 -10.12
CA ILE A 132 5.30 -13.20 -10.78
C ILE A 132 5.73 -14.56 -11.31
N ARG A 133 5.50 -15.62 -10.54
CA ARG A 133 5.90 -16.97 -10.95
C ARG A 133 4.96 -17.63 -11.96
N SER A 134 3.83 -17.00 -12.27
CA SER A 134 2.88 -17.54 -13.25
C SER A 134 3.37 -17.23 -14.68
N GLN A 135 3.61 -18.28 -15.45
CA GLN A 135 4.28 -18.18 -16.73
C GLN A 135 3.43 -18.47 -17.97
N ASN A 136 2.25 -19.03 -17.80
CA ASN A 136 1.44 -19.42 -18.95
C ASN A 136 -0.01 -19.48 -18.55
N LYS A 137 -0.86 -19.80 -19.53
CA LYS A 137 -2.30 -19.80 -19.35
C LYS A 137 -2.81 -20.78 -18.30
N GLU A 138 -2.16 -21.92 -18.14
CA GLU A 138 -2.51 -22.89 -17.08
C GLU A 138 -2.15 -22.34 -15.69
N ASP A 139 -0.96 -21.77 -15.53
CA ASP A 139 -0.61 -21.12 -14.26
C ASP A 139 -1.60 -19.99 -13.94
N TYR A 140 -1.98 -19.26 -14.99
CA TYR A 140 -2.90 -18.14 -14.84
C TYR A 140 -4.30 -18.58 -14.36
N ALA A 141 -4.81 -19.68 -14.89
CA ALA A 141 -6.10 -20.18 -14.42
C ALA A 141 -6.05 -20.48 -12.92
N GLY A 142 -4.99 -21.14 -12.47
CA GLY A 142 -4.83 -21.51 -11.06
C GLY A 142 -4.68 -20.27 -10.18
N LEU A 143 -3.97 -19.28 -10.70
CA LEU A 143 -3.74 -18.02 -10.00
C LEU A 143 -5.07 -17.31 -9.74
N LYS A 144 -5.91 -17.23 -10.77
CA LYS A 144 -7.24 -16.63 -10.63
C LYS A 144 -8.07 -17.31 -9.55
N GLU A 145 -8.04 -18.63 -9.53
CA GLU A 145 -8.70 -19.40 -8.49
C GLU A 145 -8.15 -19.08 -7.08
N GLU A 146 -6.83 -18.88 -6.95
CA GLU A 146 -6.23 -18.48 -5.67
C GLU A 146 -6.71 -17.10 -5.21
N PHE A 147 -6.79 -16.14 -6.13
CA PHE A 147 -7.31 -14.80 -5.80
C PHE A 147 -8.79 -14.83 -5.44
N ARG A 148 -9.60 -15.55 -6.22
CA ARG A 148 -11.04 -15.68 -5.94
C ARG A 148 -11.33 -16.26 -4.55
N LYS A 149 -10.55 -17.26 -4.16
CA LYS A 149 -10.69 -17.88 -2.85
C LYS A 149 -10.56 -16.82 -1.75
N GLU A 150 -9.51 -15.99 -1.83
CA GLU A 150 -9.35 -14.90 -0.86
C GLU A 150 -10.42 -13.81 -0.96
N PHE A 151 -10.79 -13.46 -2.17
CA PHE A 151 -11.77 -12.40 -2.40
C PHE A 151 -13.18 -12.79 -1.91
N THR A 152 -13.51 -14.08 -1.98
CA THR A 152 -14.78 -14.55 -1.45
C THR A 152 -14.84 -14.28 0.07
N LYS A 153 -13.73 -14.43 0.78
CA LYS A 153 -13.71 -14.14 2.23
C LYS A 153 -14.04 -12.66 2.55
N LEU A 154 -13.50 -11.75 1.75
CA LEU A 154 -13.77 -10.32 1.89
C LEU A 154 -15.21 -10.00 1.50
N GLU A 155 -15.71 -10.64 0.45
CA GLU A 155 -17.11 -10.51 0.04
C GLU A 155 -18.04 -10.87 1.19
N GLU A 156 -17.72 -11.93 1.92
CA GLU A 156 -18.52 -12.33 3.08
C GLU A 156 -18.57 -11.23 4.15
N VAL A 157 -17.45 -10.53 4.36
CA VAL A 157 -17.44 -9.43 5.34
C VAL A 157 -18.41 -8.36 4.92
N LEU A 158 -18.38 -7.95 3.65
CA LEU A 158 -19.29 -6.90 3.17
C LEU A 158 -20.77 -7.33 3.15
N THR A 159 -21.00 -8.62 2.88
CA THR A 159 -22.37 -9.18 2.96
C THR A 159 -22.91 -9.11 4.38
N ASN A 160 -22.10 -9.53 5.34
CA ASN A 160 -22.49 -9.51 6.76
C ASN A 160 -22.80 -8.07 7.23
N LYS A 161 -21.94 -7.11 6.87
CA LYS A 161 -22.08 -5.71 7.34
C LYS A 161 -23.11 -4.87 6.59
N LYS A 162 -23.39 -5.21 5.33
CA LYS A 162 -24.26 -4.41 4.45
C LYS A 162 -23.81 -2.95 4.28
N THR A 163 -22.50 -2.71 4.35
CA THR A 163 -21.97 -1.38 4.11
C THR A 163 -21.07 -1.39 2.89
N THR A 164 -20.88 -0.23 2.31
CA THR A 164 -20.02 -0.10 1.14
C THR A 164 -18.53 -0.37 1.46
N PHE A 165 -18.07 0.02 2.64
CA PHE A 165 -16.65 -0.12 3.02
C PHE A 165 -16.51 -1.14 4.12
N PHE A 166 -15.27 -1.55 4.37
CA PHE A 166 -14.98 -2.62 5.32
C PHE A 166 -15.14 -2.20 6.78
N GLY A 167 -15.13 -0.91 7.05
CA GLY A 167 -15.33 -0.45 8.41
C GLY A 167 -16.64 0.29 8.61
N GLY A 168 -17.56 0.25 7.64
CA GLY A 168 -18.80 1.03 7.71
C GLY A 168 -19.13 1.68 6.39
N ASN A 169 -19.96 2.73 6.45
CA ASN A 169 -20.35 3.45 5.23
C ASN A 169 -19.39 4.56 4.86
N SER A 170 -18.51 4.94 5.78
CA SER A 170 -17.41 5.85 5.49
C SER A 170 -16.13 5.03 5.31
N ILE A 171 -15.28 5.48 4.39
CA ILE A 171 -13.94 4.93 4.24
C ILE A 171 -13.18 5.08 5.57
N SER A 172 -12.35 4.10 5.88
CA SER A 172 -11.62 4.11 7.15
C SER A 172 -10.29 3.36 6.95
N MET A 173 -9.56 3.14 8.04
CA MET A 173 -8.21 2.59 7.96
C MET A 173 -8.10 1.29 7.18
N ILE A 174 -9.00 0.36 7.50
CA ILE A 174 -8.97 -0.95 6.88
C ILE A 174 -9.02 -0.86 5.35
N ASP A 175 -9.84 0.03 4.84
CA ASP A 175 -9.95 0.15 3.39
C ASP A 175 -8.63 0.55 2.76
N TYR A 176 -7.96 1.52 3.36
CA TYR A 176 -6.68 1.98 2.89
C TYR A 176 -5.61 0.91 3.05
N LEU A 177 -5.71 0.07 4.08
CA LEU A 177 -4.70 -0.98 4.27
C LEU A 177 -4.78 -2.03 3.20
N ILE A 178 -5.98 -2.32 2.68
CA ILE A 178 -6.11 -3.35 1.65
C ILE A 178 -6.05 -2.81 0.21
N TRP A 179 -6.34 -1.53 0.02
CA TRP A 179 -6.48 -0.94 -1.31
C TRP A 179 -5.32 -1.13 -2.32
N PRO A 180 -4.06 -0.99 -1.87
CA PRO A 180 -2.97 -1.01 -2.85
C PRO A 180 -2.83 -2.29 -3.67
N TRP A 181 -3.24 -3.44 -3.13
CA TRP A 181 -3.23 -4.69 -3.88
C TRP A 181 -4.36 -4.73 -4.90
N PHE A 182 -5.51 -4.15 -4.55
CA PHE A 182 -6.61 -4.05 -5.50
C PHE A 182 -6.32 -3.07 -6.64
N GLU A 183 -5.55 -2.03 -6.33
CA GLU A 183 -5.15 -1.05 -7.34
C GLU A 183 -4.44 -1.68 -8.55
N ARG A 184 -3.70 -2.76 -8.29
CA ARG A 184 -2.86 -3.41 -9.29
CA ARG A 184 -2.89 -3.42 -9.32
C ARG A 184 -3.56 -4.60 -10.01
N LEU A 185 -4.84 -4.88 -9.71
CA LEU A 185 -5.53 -6.02 -10.32
C LEU A 185 -5.67 -5.95 -11.83
N GLU A 186 -6.10 -4.80 -12.31
CA GLU A 186 -6.24 -4.58 -13.74
C GLU A 186 -4.90 -4.77 -14.46
N ALA A 187 -3.82 -4.21 -13.91
CA ALA A 187 -2.49 -4.36 -14.52
C ALA A 187 -2.00 -5.83 -14.50
N MET A 188 -2.39 -6.59 -13.48
CA MET A 188 -2.10 -8.03 -13.38
C MET A 188 -3.03 -8.92 -14.23
N LYS A 189 -4.07 -8.30 -14.79
CA LYS A 189 -5.12 -8.92 -15.59
C LYS A 189 -5.95 -9.88 -14.73
N LEU A 190 -6.18 -9.48 -13.48
CA LEU A 190 -6.91 -10.27 -12.51
C LEU A 190 -8.23 -9.63 -12.13
N ASN A 191 -8.72 -8.71 -12.94
CA ASN A 191 -9.93 -7.97 -12.59
C ASN A 191 -11.18 -8.87 -12.67
N GLU A 192 -11.17 -9.91 -13.51
CA GLU A 192 -12.21 -10.96 -13.52
C GLU A 192 -12.41 -11.69 -12.20
N CYS A 193 -11.42 -11.66 -11.32
CA CYS A 193 -11.51 -12.34 -10.03
C CYS A 193 -12.46 -11.68 -9.06
N VAL A 194 -12.97 -10.49 -9.38
CA VAL A 194 -14.03 -9.90 -8.58
C VAL A 194 -15.42 -10.06 -9.22
N ASP A 195 -15.51 -10.83 -10.31
CA ASP A 195 -16.77 -10.97 -11.05
C ASP A 195 -17.89 -11.67 -10.28
N HIS A 196 -17.54 -12.66 -9.45
CA HIS A 196 -18.53 -13.31 -8.61
C HIS A 196 -18.52 -12.83 -7.17
N THR A 197 -17.97 -11.62 -6.95
CA THR A 197 -17.97 -10.94 -5.67
C THR A 197 -18.50 -9.53 -5.95
N PRO A 198 -19.83 -9.39 -6.06
CA PRO A 198 -20.38 -8.10 -6.52
C PRO A 198 -20.18 -6.92 -5.55
N LYS A 199 -20.25 -7.18 -4.24
CA LYS A 199 -20.08 -6.13 -3.23
C LYS A 199 -18.62 -5.64 -3.22
N LEU A 200 -17.69 -6.58 -3.38
CA LEU A 200 -16.27 -6.25 -3.49
C LEU A 200 -15.97 -5.41 -4.73
N LYS A 201 -16.64 -5.74 -5.84
CA LYS A 201 -16.51 -4.99 -7.09
C LYS A 201 -17.01 -3.55 -6.94
N LEU A 202 -18.16 -3.36 -6.32
CA LEU A 202 -18.66 -2.01 -6.00
C LEU A 202 -17.72 -1.28 -5.03
N TRP A 203 -17.12 -2.01 -4.10
CA TRP A 203 -16.17 -1.41 -3.15
C TRP A 203 -15.02 -0.78 -3.93
N MET A 204 -14.47 -1.52 -4.89
CA MET A 204 -13.39 -1.02 -5.74
C MET A 204 -13.72 0.26 -6.47
N ALA A 205 -14.94 0.34 -7.00
CA ALA A 205 -15.39 1.54 -7.71
C ALA A 205 -15.54 2.73 -6.74
N ALA A 206 -16.03 2.46 -5.54
CA ALA A 206 -16.15 3.51 -4.51
C ALA A 206 -14.78 4.00 -4.05
N MET A 207 -13.82 3.08 -3.92
CA MET A 207 -12.45 3.43 -3.52
C MET A 207 -11.80 4.36 -4.51
N LYS A 208 -11.95 4.03 -5.80
CA LYS A 208 -11.36 4.86 -6.87
C LYS A 208 -11.89 6.31 -6.89
N GLU A 209 -13.07 6.53 -6.35
CA GLU A 209 -13.68 7.86 -6.20
C GLU A 209 -13.30 8.58 -4.90
N ASP A 210 -12.69 7.88 -3.93
CA ASP A 210 -12.25 8.51 -2.69
C ASP A 210 -11.19 9.55 -3.03
N PRO A 211 -11.29 10.77 -2.48
CA PRO A 211 -10.30 11.78 -2.86
C PRO A 211 -8.85 11.42 -2.55
N THR A 212 -8.62 10.75 -1.40
CA THR A 212 -7.28 10.30 -1.06
C THR A 212 -6.75 9.25 -2.06
N VAL A 213 -7.56 8.26 -2.36
CA VAL A 213 -7.15 7.17 -3.26
C VAL A 213 -6.87 7.73 -4.66
N SER A 214 -7.77 8.58 -5.10
CA SER A 214 -7.72 9.20 -6.42
C SER A 214 -6.45 10.04 -6.58
N ALA A 215 -6.10 10.77 -5.53
CA ALA A 215 -4.87 11.59 -5.50
C ALA A 215 -3.60 10.79 -5.65
N LEU A 216 -3.57 9.54 -5.14
CA LEU A 216 -2.37 8.68 -5.18
C LEU A 216 -2.38 7.57 -6.23
N LEU A 217 -3.50 7.37 -6.92
CA LEU A 217 -3.64 6.23 -7.79
C LEU A 217 -2.61 6.28 -8.92
N THR A 218 -1.98 5.14 -9.20
CA THR A 218 -1.03 5.02 -10.30
C THR A 218 -1.72 4.32 -11.47
N SER A 219 -1.51 4.80 -12.70
CA SER A 219 -2.19 4.25 -13.88
C SER A 219 -1.69 2.85 -14.21
N GLU A 220 -2.51 2.07 -14.92
CA GLU A 220 -2.10 0.75 -15.42
C GLU A 220 -0.83 0.78 -16.22
N LYS A 221 -0.73 1.74 -17.12
CA LYS A 221 0.48 1.88 -17.93
C LYS A 221 1.74 2.08 -17.06
N ASP A 222 1.64 2.88 -16.00
CA ASP A 222 2.77 3.08 -15.08
C ASP A 222 3.10 1.81 -14.31
N TRP A 223 2.06 1.12 -13.83
CA TRP A 223 2.24 -0.21 -13.20
C TRP A 223 3.04 -1.19 -14.07
N GLN A 224 2.65 -1.27 -15.33
CA GLN A 224 3.31 -2.15 -16.29
C GLN A 224 4.71 -1.68 -16.64
N GLY A 225 4.90 -0.37 -16.76
CA GLY A 225 6.23 0.18 -16.93
C GLY A 225 7.17 -0.23 -15.82
N PHE A 226 6.70 -0.05 -14.58
CA PHE A 226 7.51 -0.44 -13.45
C PHE A 226 7.80 -1.93 -13.47
N LEU A 227 6.77 -2.73 -13.68
CA LEU A 227 6.90 -4.19 -13.63
C LEU A 227 7.90 -4.73 -14.65
N GLU A 228 7.79 -4.21 -15.89
CA GLU A 228 8.70 -4.53 -17.01
C GLU A 228 10.16 -4.38 -16.50
N LEU A 229 10.48 -3.19 -16.00
CA LEU A 229 11.84 -2.90 -15.52
C LEU A 229 12.22 -3.73 -14.29
N TYR A 230 11.30 -3.88 -13.32
CA TYR A 230 11.56 -4.65 -12.09
C TYR A 230 11.95 -6.15 -12.40
N LEU A 231 11.21 -6.78 -13.36
CA LEU A 231 11.46 -8.20 -13.76
C LEU A 231 12.70 -8.32 -14.66
N GLN A 232 13.02 -7.26 -15.42
CA GLN A 232 14.34 -7.11 -16.05
C GLN A 232 15.50 -6.89 -15.05
N ASN A 233 15.18 -6.79 -13.76
CA ASN A 233 16.10 -6.48 -12.67
C ASN A 233 16.85 -5.15 -12.83
N SER A 234 16.17 -4.16 -13.40
CA SER A 234 16.77 -2.85 -13.64
C SER A 234 16.95 -2.05 -12.35
N PRO A 235 18.15 -1.44 -12.17
CA PRO A 235 18.23 -0.47 -11.07
C PRO A 235 17.47 0.82 -11.33
N GLU A 236 16.92 1.01 -12.54
CA GLU A 236 16.08 2.16 -12.88
C GLU A 236 14.56 1.93 -12.66
N ALA A 237 14.15 0.72 -12.28
CA ALA A 237 12.71 0.38 -12.15
C ALA A 237 11.98 1.34 -11.22
N CYS A 238 12.54 1.53 -10.03
CA CYS A 238 11.96 2.41 -9.01
C CYS A 238 11.72 3.85 -9.48
N ASP A 239 12.53 4.31 -10.44
CA ASP A 239 12.40 5.66 -11.03
C ASP A 239 11.67 5.66 -12.37
N TYR A 240 10.85 4.64 -12.66
CA TYR A 240 10.08 4.65 -13.91
C TYR A 240 9.24 5.93 -14.01
N GLY A 241 9.26 6.55 -15.20
CA GLY A 241 8.63 7.84 -15.43
C GLY A 241 9.37 9.02 -14.81
N LEU A 242 10.57 8.75 -14.26
CA LEU A 242 11.28 9.59 -13.28
C LEU A 242 10.57 9.92 -11.96
#